data_7YZB
#
_entry.id   7YZB
#
_cell.length_a   36.118
_cell.length_b   78.029
_cell.length_c   51.879
_cell.angle_alpha   90.000
_cell.angle_beta   100.460
_cell.angle_gamma   90.000
#
_symmetry.space_group_name_H-M   'P 1 21 1'
#
loop_
_entity.id
_entity.type
_entity.pdbx_description
1 polymer 'Forkhead box protein H1'
2 polymer "DNA (5'-D(*AP*GP*AP*TP*TP*GP*TP*GP*GP*AP*TP*TP*GP*CP*GP*A)-3')"
3 polymer "DNA (5'-D(*TP*CP*GP*CP*AP*AP*TP*CP*CP*AP*CP*AP*AP*TP*CP*T)-3')"
4 non-polymer 'POTASSIUM ION'
5 water water
#
loop_
_entity_poly.entity_id
_entity_poly.type
_entity_poly.pdbx_seq_one_letter_code
_entity_poly.pdbx_strand_id
1 'polypeptide(L)'
;MGPSSGSRLGPPEAESPSQPPKRRKKRYLRHDKPPYTYLAMIALVIQAAPSRRLKLAQIIRQVQAVFPFFREDYEGWKDS
IRHNLSSNRCFRKVPKDPAKPQAKGNFWAVDVSLIPAEALRLQNTALCRRWQNGGARGAFAKDLGPYVLHGRPYRPPSPP
PPPSEGFSIKSLLGGSGEGAPWPGL
;
A
2 'polydeoxyribonucleotide' (DA)(DG)(DA)(DT)(DT)(DG)(DT)(DG)(DG)(DA)(DT)(DT)(DG)(DC)(DG)(DA) B
3 'polydeoxyribonucleotide' (DT)(DC)(DG)(DC)(DA)(DA)(DT)(DC)(DC)(DA)(DC)(DA)(DA)(DT)(DC)(DT) C
#
loop_
_chem_comp.id
_chem_comp.type
_chem_comp.name
_chem_comp.formula
DA DNA linking 2'-DEOXYADENOSINE-5'-MONOPHOSPHATE 'C10 H14 N5 O6 P'
DC DNA linking 2'-DEOXYCYTIDINE-5'-MONOPHOSPHATE 'C9 H14 N3 O7 P'
DG DNA linking 2'-DEOXYGUANOSINE-5'-MONOPHOSPHATE 'C10 H14 N5 O7 P'
DT DNA linking THYMIDINE-5'-MONOPHOSPHATE 'C10 H15 N2 O8 P'
K non-polymer 'POTASSIUM ION' 'K 1'
#
# COMPACT_ATOMS: atom_id res chain seq x y z
N LYS A 26 -14.59 -19.61 7.51
CA LYS A 26 -15.51 -18.43 7.42
C LYS A 26 -15.86 -18.16 5.95
N ARG A 27 -17.05 -17.62 5.73
CA ARG A 27 -17.53 -17.26 4.37
C ARG A 27 -16.66 -16.14 3.80
N TYR A 28 -16.21 -16.33 2.57
CA TYR A 28 -15.47 -15.28 1.85
C TYR A 28 -16.42 -14.10 1.60
N LEU A 29 -15.97 -12.89 1.95
CA LEU A 29 -16.71 -11.66 1.72
C LEU A 29 -15.77 -10.59 1.27
N ARG A 30 -16.19 -9.77 0.30
CA ARG A 30 -15.49 -8.51 -0.04
C ARG A 30 -15.91 -7.47 1.02
N HIS A 31 -14.96 -6.64 1.44
CA HIS A 31 -15.23 -5.64 2.44
C HIS A 31 -14.90 -4.29 1.91
N ASP A 32 -15.61 -3.27 2.37
CA ASP A 32 -15.26 -1.91 1.98
C ASP A 32 -13.78 -1.64 2.22
N LYS A 33 -13.13 -1.10 1.20
CA LYS A 33 -11.75 -0.66 1.26
C LYS A 33 -11.56 0.45 0.25
N PRO A 34 -10.45 1.21 0.34
CA PRO A 34 -10.13 2.23 -0.66
C PRO A 34 -10.05 1.58 -2.04
N PRO A 35 -10.43 2.34 -3.11
CA PRO A 35 -10.41 1.80 -4.47
C PRO A 35 -9.04 1.90 -5.14
N TYR A 36 -8.02 1.48 -4.42
CA TYR A 36 -6.65 1.28 -4.92
C TYR A 36 -6.15 -0.08 -4.44
N THR A 37 -5.32 -0.74 -5.22
CA THR A 37 -4.76 -2.02 -4.83
C THR A 37 -4.00 -1.82 -3.48
N TYR A 38 -3.96 -2.90 -2.71
CA TYR A 38 -3.08 -2.89 -1.50
C TYR A 38 -1.65 -2.57 -1.93
N LEU A 39 -1.17 -3.16 -3.03
CA LEU A 39 0.16 -2.84 -3.56
C LEU A 39 0.35 -1.33 -3.68
N ALA A 40 -0.57 -0.68 -4.39
CA ALA A 40 -0.47 0.75 -4.63
C ALA A 40 -0.40 1.58 -3.35
N MET A 41 -1.28 1.26 -2.40
CA MET A 41 -1.38 2.03 -1.18
C MET A 41 -0.12 1.86 -0.34
N ILE A 42 0.38 0.62 -0.29
CA ILE A 42 1.63 0.30 0.45
C ILE A 42 2.79 1.06 -0.19
N ALA A 43 2.88 1.00 -1.53
CA ALA A 43 3.97 1.64 -2.23
C ALA A 43 3.94 3.17 -2.01
N LEU A 44 2.72 3.75 -1.99
CA LEU A 44 2.56 5.17 -1.85
C LEU A 44 3.08 5.63 -0.50
N VAL A 45 2.65 4.94 0.58
CA VAL A 45 3.11 5.36 1.92
C VAL A 45 4.62 5.12 2.11
N ILE A 46 5.15 4.00 1.55
CA ILE A 46 6.60 3.78 1.59
C ILE A 46 7.38 4.91 0.89
N GLN A 47 6.92 5.29 -0.31
CA GLN A 47 7.61 6.29 -1.08
C GLN A 47 7.51 7.68 -0.47
N ALA A 48 6.44 7.92 0.29
CA ALA A 48 6.30 9.15 1.07
C ALA A 48 7.17 9.23 2.35
N ALA A 49 7.74 8.10 2.77
CA ALA A 49 8.57 8.06 3.99
C ALA A 49 9.92 8.70 3.69
N PRO A 50 10.44 9.61 4.54
CA PRO A 50 11.72 10.26 4.25
C PRO A 50 12.82 9.31 3.75
N SER A 51 12.96 8.16 4.41
CA SER A 51 13.90 7.09 4.08
C SER A 51 13.41 6.11 2.97
N ARG A 52 12.21 6.32 2.45
CA ARG A 52 11.61 5.43 1.41
C ARG A 52 11.58 3.98 1.89
N ARG A 53 11.35 3.77 3.18
CA ARG A 53 11.16 2.42 3.75
C ARG A 53 10.36 2.53 5.05
N LEU A 54 9.60 1.50 5.36
CA LEU A 54 8.73 1.47 6.54
C LEU A 54 8.60 0.07 7.06
N LYS A 55 8.39 -0.06 8.36
CA LYS A 55 8.04 -1.35 8.92
C LYS A 55 6.56 -1.62 8.73
N LEU A 56 6.19 -2.90 8.86
CA LEU A 56 4.80 -3.38 8.73
C LEU A 56 3.80 -2.54 9.49
N ALA A 57 4.05 -2.32 10.81
CA ALA A 57 3.06 -1.60 11.63
C ALA A 57 2.84 -0.16 11.17
N GLN A 58 3.92 0.49 10.70
CA GLN A 58 3.88 1.85 10.17
C GLN A 58 3.08 1.86 8.88
N ILE A 59 3.31 0.85 8.04
CA ILE A 59 2.58 0.73 6.77
C ILE A 59 1.07 0.63 7.02
N ILE A 60 0.67 -0.24 7.94
CA ILE A 60 -0.74 -0.39 8.31
C ILE A 60 -1.39 0.92 8.78
N ARG A 61 -0.73 1.61 9.73
N ARG A 61 -0.74 1.60 9.75
CA ARG A 61 -1.23 2.89 10.32
CA ARG A 61 -1.19 2.90 10.32
C ARG A 61 -1.32 3.94 9.22
C ARG A 61 -1.33 3.92 9.20
N GLN A 62 -0.30 4.03 8.36
CA GLN A 62 -0.24 5.03 7.30
C GLN A 62 -1.27 4.79 6.20
N VAL A 63 -1.45 3.54 5.79
CA VAL A 63 -2.47 3.19 4.78
C VAL A 63 -3.87 3.62 5.23
N GLN A 64 -4.24 3.27 6.46
CA GLN A 64 -5.52 3.64 7.02
C GLN A 64 -5.68 5.14 7.14
N ALA A 65 -4.61 5.83 7.55
CA ALA A 65 -4.63 7.28 7.73
C ALA A 65 -4.79 8.02 6.39
N VAL A 66 -4.02 7.55 5.40
CA VAL A 66 -3.94 8.17 4.08
C VAL A 66 -5.14 7.85 3.19
N PHE A 67 -5.70 6.66 3.38
CA PHE A 67 -6.85 6.16 2.64
C PHE A 67 -7.94 5.68 3.60
N PRO A 68 -8.63 6.60 4.29
CA PRO A 68 -9.54 6.24 5.38
C PRO A 68 -10.92 5.75 4.87
N PHE A 69 -10.94 4.57 4.23
CA PHE A 69 -12.15 3.95 3.72
C PHE A 69 -12.32 2.56 4.23
N PHE A 70 -11.59 2.22 5.30
CA PHE A 70 -11.74 0.98 5.99
C PHE A 70 -12.81 1.19 7.07
N ARG A 71 -13.49 0.09 7.46
CA ARG A 71 -14.54 0.10 8.50
C ARG A 71 -14.01 -0.48 9.81
N GLU A 72 -14.56 -0.03 10.93
CA GLU A 72 -14.16 -0.49 12.24
C GLU A 72 -14.45 -2.01 12.44
N ASP A 73 -15.52 -2.49 11.80
CA ASP A 73 -16.02 -3.86 11.89
C ASP A 73 -15.32 -4.92 11.04
N TYR A 74 -14.21 -4.56 10.39
CA TYR A 74 -13.38 -5.49 9.61
C TYR A 74 -11.91 -5.12 9.76
N GLU A 75 -11.12 -6.03 10.32
CA GLU A 75 -9.70 -5.86 10.52
C GLU A 75 -8.81 -6.62 9.52
N GLY A 76 -9.41 -7.48 8.70
CA GLY A 76 -8.67 -8.38 7.84
C GLY A 76 -7.81 -7.72 6.77
N TRP A 77 -8.11 -6.45 6.48
CA TRP A 77 -7.28 -5.67 5.56
C TRP A 77 -5.82 -5.58 6.05
N LYS A 78 -5.62 -5.68 7.38
CA LYS A 78 -4.27 -5.63 7.91
C LYS A 78 -3.48 -6.89 7.52
N ASP A 79 -4.16 -8.03 7.52
CA ASP A 79 -3.61 -9.30 7.02
C ASP A 79 -3.33 -9.22 5.52
N SER A 80 -4.25 -8.61 4.76
CA SER A 80 -4.02 -8.46 3.33
C SER A 80 -2.80 -7.59 3.03
N ILE A 81 -2.59 -6.53 3.85
CA ILE A 81 -1.41 -5.71 3.68
C ILE A 81 -0.14 -6.58 3.85
N ARG A 82 -0.10 -7.32 4.95
CA ARG A 82 1.04 -8.23 5.26
C ARG A 82 1.25 -9.24 4.11
N HIS A 83 0.18 -9.84 3.61
CA HIS A 83 0.26 -10.74 2.50
C HIS A 83 0.88 -10.09 1.24
N ASN A 84 0.45 -8.85 0.93
CA ASN A 84 0.94 -8.12 -0.25
C ASN A 84 2.41 -7.74 -0.18
N LEU A 85 2.96 -7.55 1.04
CA LEU A 85 4.36 -7.24 1.13
C LEU A 85 5.18 -8.44 0.60
N SER A 86 4.78 -9.66 0.98
CA SER A 86 5.50 -10.86 0.57
C SER A 86 5.17 -11.33 -0.85
N SER A 87 3.93 -11.14 -1.28
CA SER A 87 3.47 -11.71 -2.54
C SER A 87 3.90 -10.93 -3.79
N ASN A 88 4.23 -9.64 -3.64
CA ASN A 88 4.63 -8.78 -4.76
C ASN A 88 6.13 -8.52 -4.79
N ARG A 89 6.76 -8.83 -5.93
CA ARG A 89 8.23 -8.69 -6.10
C ARG A 89 8.68 -7.24 -5.89
N CYS A 90 7.79 -6.26 -6.12
CA CYS A 90 8.17 -4.88 -6.00
C CYS A 90 8.59 -4.50 -4.59
N PHE A 91 8.12 -5.24 -3.59
CA PHE A 91 8.52 -4.97 -2.21
C PHE A 91 9.77 -5.75 -1.84
N ARG A 92 10.73 -5.02 -1.24
CA ARG A 92 12.07 -5.53 -0.85
C ARG A 92 12.18 -5.47 0.69
N LYS A 93 12.55 -6.59 1.29
CA LYS A 93 12.79 -6.71 2.71
C LYS A 93 14.22 -6.20 2.92
N VAL A 94 14.36 -5.11 3.69
CA VAL A 94 15.62 -4.44 3.96
C VAL A 94 15.99 -4.60 5.44
N PRO A 95 17.07 -5.35 5.76
CA PRO A 95 17.58 -5.44 7.13
C PRO A 95 18.16 -4.10 7.66
N LYS A 96 18.00 -3.87 8.96
CA LYS A 96 18.57 -2.71 9.66
C LYS A 96 20.06 -2.61 9.39
N ASP A 97 20.73 -3.76 9.49
CA ASP A 97 22.12 -3.87 9.11
C ASP A 97 22.23 -4.76 7.87
N PRO A 98 22.63 -4.21 6.71
CA PRO A 98 22.73 -4.99 5.47
C PRO A 98 23.51 -6.30 5.69
N ALA A 99 24.61 -6.22 6.46
CA ALA A 99 25.48 -7.37 6.75
C ALA A 99 24.86 -8.48 7.61
N LYS A 100 23.63 -8.25 8.10
CA LYS A 100 22.96 -9.18 8.98
C LYS A 100 21.49 -9.29 8.63
N PRO A 101 21.11 -10.24 7.74
CA PRO A 101 19.70 -10.52 7.46
C PRO A 101 18.93 -10.79 8.75
N GLN A 102 17.62 -10.62 8.70
CA GLN A 102 16.77 -10.43 9.86
C GLN A 102 15.49 -11.24 9.59
N ALA A 103 15.15 -12.15 10.51
CA ALA A 103 13.93 -12.94 10.35
C ALA A 103 12.72 -12.00 10.32
N LYS A 104 12.74 -11.01 11.22
CA LYS A 104 11.60 -10.17 11.54
C LYS A 104 12.08 -8.73 11.78
N GLY A 105 11.15 -7.78 11.70
CA GLY A 105 11.40 -6.38 12.00
C GLY A 105 12.09 -5.62 10.90
N ASN A 106 11.94 -6.15 9.68
CA ASN A 106 12.58 -5.57 8.51
C ASN A 106 11.87 -4.33 8.09
N PHE A 107 12.63 -3.42 7.49
CA PHE A 107 12.05 -2.36 6.70
C PHE A 107 11.63 -2.95 5.37
N TRP A 108 10.63 -2.32 4.77
CA TRP A 108 10.19 -2.63 3.43
C TRP A 108 10.40 -1.42 2.52
N ALA A 109 10.98 -1.67 1.34
CA ALA A 109 11.20 -0.65 0.31
C ALA A 109 10.51 -1.13 -0.95
N VAL A 110 10.40 -0.21 -1.93
CA VAL A 110 9.78 -0.53 -3.20
CA VAL A 110 9.76 -0.51 -3.22
C VAL A 110 10.74 -0.35 -4.38
N ASP A 111 10.77 -1.33 -5.30
CA ASP A 111 11.46 -1.24 -6.58
C ASP A 111 10.34 -0.90 -7.58
N VAL A 112 10.24 0.37 -7.94
CA VAL A 112 9.10 0.83 -8.73
C VAL A 112 9.08 0.19 -10.12
N SER A 113 10.26 -0.28 -10.59
CA SER A 113 10.36 -0.92 -11.94
C SER A 113 9.55 -2.21 -11.98
N LEU A 114 9.23 -2.78 -10.81
CA LEU A 114 8.45 -4.03 -10.69
C LEU A 114 6.99 -3.83 -10.41
N ILE A 115 6.55 -2.59 -10.33
CA ILE A 115 5.13 -2.32 -10.13
C ILE A 115 4.42 -2.50 -11.46
N PRO A 116 3.38 -3.37 -11.57
CA PRO A 116 2.60 -3.43 -12.82
C PRO A 116 1.91 -2.09 -13.11
N ALA A 117 1.88 -1.56 -14.36
CA ALA A 117 1.33 -0.17 -14.59
C ALA A 117 -0.13 -0.03 -14.10
N GLU A 118 -0.91 -1.09 -14.39
N GLU A 118 -0.92 -1.09 -14.38
CA GLU A 118 -2.29 -1.04 -13.99
CA GLU A 118 -2.31 -1.05 -13.97
C GLU A 118 -2.50 -1.09 -12.46
C GLU A 118 -2.49 -1.09 -12.45
N ALA A 119 -1.46 -1.49 -11.70
CA ALA A 119 -1.56 -1.62 -10.22
C ALA A 119 -1.85 -0.33 -9.50
N LEU A 120 -1.47 0.81 -10.11
CA LEU A 120 -1.66 2.12 -9.50
C LEU A 120 -2.96 2.84 -9.89
N ARG A 121 -3.75 2.21 -10.77
N ARG A 121 -3.76 2.21 -10.77
CA ARG A 121 -5.00 2.80 -11.31
CA ARG A 121 -4.99 2.85 -11.30
C ARG A 121 -6.14 2.72 -10.29
C ARG A 121 -6.14 2.72 -10.29
N LEU A 122 -6.96 3.77 -10.24
CA LEU A 122 -8.19 3.76 -9.50
C LEU A 122 -9.02 2.58 -9.97
N GLN A 123 -9.59 1.86 -9.03
CA GLN A 123 -10.42 0.68 -9.25
C GLN A 123 -11.89 1.05 -9.35
N ASN A 124 -12.56 0.43 -10.33
CA ASN A 124 -13.99 0.65 -10.52
C ASN A 124 -14.79 -0.32 -9.66
N THR A 125 -14.87 0.01 -8.38
CA THR A 125 -15.61 -0.78 -7.41
C THR A 125 -16.90 -0.08 -7.03
N ALA A 126 -17.78 -0.84 -6.36
CA ALA A 126 -19.03 -0.31 -5.85
C ALA A 126 -18.75 0.90 -4.93
N LEU A 127 -17.68 0.82 -4.14
CA LEU A 127 -17.39 1.91 -3.20
C LEU A 127 -16.90 3.14 -3.94
N CYS A 128 -16.06 2.93 -4.95
CA CYS A 128 -15.67 4.03 -5.81
C CYS A 128 -16.92 4.70 -6.41
N ARG A 129 -17.80 3.90 -7.00
CA ARG A 129 -18.98 4.40 -7.76
C ARG A 129 -19.93 5.17 -6.84
N ARG A 130 -20.14 4.70 -5.60
CA ARG A 130 -21.12 5.35 -4.68
C ARG A 130 -20.52 6.64 -4.14
N TRP A 131 -19.20 6.84 -4.21
CA TRP A 131 -18.59 8.12 -3.81
C TRP A 131 -18.53 9.11 -4.95
N GLN A 132 -18.55 8.62 -6.19
CA GLN A 132 -18.46 9.44 -7.39
C GLN A 132 -19.81 9.51 -8.12
N PHE A 140 -11.67 10.82 -6.38
CA PHE A 140 -10.44 10.02 -6.19
C PHE A 140 -9.46 10.30 -7.32
N ALA A 141 -8.17 10.34 -7.00
CA ALA A 141 -7.11 10.40 -8.01
C ALA A 141 -7.28 9.21 -8.96
N LYS A 142 -7.16 9.46 -10.26
CA LYS A 142 -7.30 8.39 -11.26
C LYS A 142 -6.15 7.37 -11.24
N ASP A 143 -5.00 7.77 -10.72
CA ASP A 143 -3.82 6.96 -10.74
C ASP A 143 -2.90 7.46 -9.66
N LEU A 144 -2.26 6.52 -8.96
CA LEU A 144 -1.32 6.91 -7.91
C LEU A 144 0.12 7.04 -8.42
N GLY A 145 0.34 6.86 -9.74
CA GLY A 145 1.65 7.00 -10.31
C GLY A 145 2.43 8.26 -9.94
N PRO A 146 1.80 9.46 -9.97
CA PRO A 146 2.50 10.70 -9.60
C PRO A 146 3.19 10.58 -8.22
N TYR A 147 2.54 9.90 -7.29
CA TYR A 147 2.91 9.83 -5.84
C TYR A 147 3.88 8.68 -5.60
N VAL A 148 3.68 7.56 -6.28
CA VAL A 148 4.55 6.40 -6.18
C VAL A 148 5.82 6.49 -7.03
N LEU A 149 5.70 7.00 -8.26
CA LEU A 149 6.76 6.97 -9.27
C LEU A 149 7.51 8.27 -9.46
N HIS A 150 6.84 9.39 -9.18
CA HIS A 150 7.35 10.74 -9.55
C HIS A 150 7.46 11.72 -8.40
N GLY A 151 7.49 11.17 -7.18
CA GLY A 151 7.81 11.92 -5.99
C GLY A 151 6.84 13.02 -5.61
N ARG A 152 5.61 12.98 -6.12
CA ARG A 152 4.58 14.00 -5.79
C ARG A 152 3.93 13.66 -4.44
N PRO A 153 3.51 14.67 -3.65
CA PRO A 153 2.83 14.40 -2.39
C PRO A 153 1.34 14.13 -2.63
N TYR A 154 0.83 13.10 -1.98
CA TYR A 154 -0.59 12.70 -2.12
C TYR A 154 -1.44 13.56 -1.19
N ARG A 155 -2.46 14.24 -1.71
CA ARG A 155 -3.32 15.18 -0.95
C ARG A 155 -4.76 15.09 -1.43
N PRO A 156 -5.51 14.06 -0.98
CA PRO A 156 -6.88 13.85 -1.45
C PRO A 156 -7.90 14.73 -0.76
N PRO A 157 -9.02 15.09 -1.45
CA PRO A 157 -10.13 15.78 -0.79
C PRO A 157 -10.63 15.05 0.46
K K D . 8.31 -9.32 -1.74
#